data_2FBJ
#
_entry.id   2FBJ
#
_cell.length_a   54.018
_cell.length_b   74.289
_cell.length_c   131.347
_cell.angle_alpha   90.00
_cell.angle_beta   90.00
_cell.angle_gamma   90.00
#
_symmetry.space_group_name_H-M   'P 21 21 21'
#
loop_
_entity.id
_entity.type
_entity.pdbx_description
1 polymer 'IGA-KAPPA J539 FAB (LIGHT CHAIN)'
2 polymer 'IGA-KAPPA J539 FAB (HEAVY CHAIN)'
3 branched 2-acetamido-2-deoxy-beta-D-glucopyranose-(1-4)-2-acetamido-2-deoxy-beta-D-glucopyranose
4 branched 2-acetamido-2-deoxy-beta-D-glucopyranose-(1-4)-[alpha-L-fucopyranose-(1-6)]2-acetamido-2-deoxy-beta-D-glucopyranose
5 non-polymer 'ZINC ION'
6 water water
#
loop_
_entity_poly.entity_id
_entity_poly.type
_entity_poly.pdbx_seq_one_letter_code
_entity_poly.pdbx_strand_id
1 'polypeptide(L)'
;EIVLTQSPAITAASLGQKVTITCSASSSVSSLHWYQQKSGTSPKPWIYEISKLASGVPARFSGSGSGTSYSLTINTMEAE
DAAIYYCQQWTYPLITFGAGTKLELKRADAAPTVSIFPPSSEQLTSGGASVVCFLNNFYPKDINVKWKIDGSERQNGVLN
SWTDQDSKDSTYSMSSTLTLTKDEYERHNSYTCEATHKTSTSPIVKSFNRNEC
;
L
2 'polypeptide(L)'
;EVKLLESGGGLVQPGGSLKLSCAASGFDFSKYWMSWVRQAPGKGLEWIGEIHPDSGTINYTPSLKDKFIISRDNAKNSLY
LQMSKVRSEDTALYYCARLHYYGYNAYWGQGTLVTVSAESARNPTIYPLTLPPALSSDPVIIGCLIHDYFPSGTMNVTWG
KSGKDITTVNFPPALASGGRYTMSNQLTLPAVECPEGESVKCSVQHDSNPVQELDVNCSG
;
H
#
loop_
_chem_comp.id
_chem_comp.type
_chem_comp.name
_chem_comp.formula
FUC L-saccharide, alpha linking alpha-L-fucopyranose 'C6 H12 O5'
NAG D-saccharide, beta linking 2-acetamido-2-deoxy-beta-D-glucopyranose 'C8 H15 N O6'
ZN non-polymer 'ZINC ION' 'Zn 2'
#
# COMPACT_ATOMS: atom_id res chain seq x y z
N GLU A 1 -7.61 27.18 -3.67
CA GLU A 1 -7.28 28.56 -4.07
C GLU A 1 -6.15 28.60 -5.12
N ILE A 2 -5.12 27.83 -4.87
CA ILE A 2 -3.94 27.62 -5.71
C ILE A 2 -4.07 26.13 -6.12
N VAL A 3 -4.09 25.91 -7.41
CA VAL A 3 -4.17 24.57 -8.01
C VAL A 3 -2.76 24.28 -8.57
N LEU A 4 -2.38 23.05 -8.27
CA LEU A 4 -1.11 22.50 -8.76
C LEU A 4 -1.40 21.40 -9.77
N THR A 5 -0.71 21.44 -10.90
CA THR A 5 -0.86 20.45 -11.98
C THR A 5 0.48 19.73 -12.12
N GLN A 6 0.44 18.45 -11.87
CA GLN A 6 1.64 17.63 -12.01
C GLN A 6 1.55 16.89 -13.36
N SER A 7 2.65 16.95 -14.09
CA SER A 7 2.66 16.29 -15.41
C SER A 7 4.00 15.64 -15.73
N PRO A 8 4.00 14.50 -16.42
CA PRO A 8 2.79 13.76 -16.79
C PRO A 8 2.18 13.12 -15.55
N ALA A 9 0.92 12.74 -15.53
CA ALA A 9 0.39 12.06 -14.32
C ALA A 9 0.99 10.67 -14.13
N ILE A 10 1.16 9.89 -15.18
CA ILE A 10 1.73 8.53 -15.18
C ILE A 10 2.83 8.55 -16.25
N THR A 11 4.04 8.27 -15.80
CA THR A 11 5.19 8.27 -16.71
C THR A 11 6.05 7.01 -16.52
N ALA A 12 6.91 6.81 -17.50
CA ALA A 12 7.82 5.67 -17.47
C ALA A 12 9.18 6.12 -18.02
N ALA A 13 10.18 5.52 -17.39
CA ALA A 13 11.58 5.75 -17.78
C ALA A 13 12.34 4.43 -17.63
N SER A 14 13.23 4.29 -18.58
CA SER A 14 14.15 3.15 -18.69
C SER A 14 15.29 3.43 -17.73
N LEU A 15 16.03 2.37 -17.44
CA LEU A 15 17.22 2.46 -16.58
C LEU A 15 18.26 3.30 -17.34
N GLY A 16 18.82 4.22 -16.59
CA GLY A 16 19.81 5.17 -17.06
C GLY A 16 19.25 6.29 -17.92
N GLN A 17 17.94 6.47 -18.02
CA GLN A 17 17.49 7.61 -18.86
C GLN A 17 17.11 8.78 -17.95
N LYS A 18 17.26 9.96 -18.55
CA LYS A 18 16.97 11.26 -17.95
C LYS A 18 15.46 11.50 -17.98
N VAL A 19 14.97 11.80 -16.77
CA VAL A 19 13.55 12.04 -16.55
C VAL A 19 13.35 13.41 -15.86
N THR A 20 12.36 14.12 -16.34
CA THR A 20 11.88 15.41 -15.87
C THR A 20 10.36 15.28 -15.74
N ILE A 21 9.94 15.69 -14.57
CA ILE A 21 8.53 15.74 -14.20
C ILE A 21 8.25 17.19 -13.80
N THR A 22 7.06 17.68 -14.05
CA THR A 22 6.77 19.08 -13.72
C THR A 22 5.55 19.25 -12.82
N CYS A 23 5.57 20.38 -12.13
CA CYS A 23 4.57 20.87 -11.18
C CYS A 23 4.34 22.35 -11.48
N SER A 24 3.15 22.70 -11.93
CA SER A 24 2.88 24.12 -12.24
C SER A 24 1.68 24.57 -11.42
N ALA A 25 1.81 25.82 -11.03
CA ALA A 25 0.82 26.48 -10.16
C ALA A 25 -0.03 27.51 -10.87
N SER A 26 -1.26 27.62 -10.41
CA SER A 26 -2.22 28.57 -11.01
C SER A 26 -1.88 30.03 -10.70
N SER A 27 -1.03 30.31 -9.75
CA SER A 27 -0.57 31.65 -9.36
C SER A 27 0.76 31.48 -8.64
N SER A 28 1.45 32.58 -8.41
CA SER A 28 2.75 32.61 -7.74
C SER A 28 2.68 32.05 -6.32
N VAL A 29 3.66 31.20 -6.07
CA VAL A 29 3.78 30.49 -4.79
C VAL A 29 5.02 30.99 -4.05
N SER A 30 4.95 30.93 -2.72
CA SER A 30 6.06 31.38 -1.87
C SER A 30 7.21 30.39 -1.85
N SER A 31 6.88 29.12 -1.85
CA SER A 31 7.83 28.01 -1.86
C SER A 31 7.16 26.74 -2.42
N LEU A 32 7.98 25.81 -2.85
CA LEU A 32 7.51 24.51 -3.39
C LEU A 32 8.46 23.43 -2.91
N HIS A 33 7.87 22.29 -2.57
CA HIS A 33 8.64 21.15 -2.02
C HIS A 33 8.15 19.86 -2.67
N TRP A 34 9.01 18.86 -2.67
CA TRP A 34 8.74 17.53 -3.23
C TRP A 34 8.89 16.46 -2.16
N TYR A 35 8.02 15.46 -2.35
CA TYR A 35 7.97 14.28 -1.49
C TYR A 35 7.88 12.99 -2.30
N GLN A 36 8.54 11.96 -1.84
CA GLN A 36 8.47 10.64 -2.53
C GLN A 36 7.60 9.71 -1.69
N GLN A 37 6.75 8.93 -2.32
CA GLN A 37 5.97 7.94 -1.57
C GLN A 37 5.97 6.62 -2.37
N LYS A 38 6.30 5.62 -1.59
CA LYS A 38 6.32 4.20 -2.00
C LYS A 38 5.23 3.46 -1.23
N SER A 39 4.75 2.40 -1.79
CA SER A 39 3.73 1.41 -1.42
C SER A 39 3.19 1.47 0.00
N GLY A 40 3.78 0.96 1.06
CA GLY A 40 3.16 1.07 2.40
C GLY A 40 3.98 1.95 3.33
N THR A 41 4.37 3.11 2.86
CA THR A 41 5.20 4.01 3.64
C THR A 41 4.64 5.44 3.66
N SER A 42 5.04 6.17 4.69
CA SER A 42 4.73 7.58 4.85
C SER A 42 5.54 8.34 3.79
N PRO A 43 5.03 9.47 3.33
CA PRO A 43 5.77 10.29 2.35
C PRO A 43 7.11 10.74 2.94
N LYS A 44 8.13 10.67 2.13
CA LYS A 44 9.49 11.07 2.48
C LYS A 44 9.81 12.45 1.91
N PRO A 45 10.32 13.33 2.76
CA PRO A 45 10.79 14.69 2.44
C PRO A 45 11.89 14.54 1.39
N TRP A 46 11.73 15.15 0.23
CA TRP A 46 12.72 14.83 -0.82
C TRP A 46 13.53 16.03 -1.30
N ILE A 47 12.84 17.03 -1.77
CA ILE A 47 13.44 18.29 -2.22
C ILE A 47 12.62 19.34 -1.47
N TYR A 48 13.33 20.28 -0.88
CA TYR A 48 12.69 21.38 -0.15
C TYR A 48 13.23 22.69 -0.70
N GLU A 49 12.41 23.72 -0.58
CA GLU A 49 12.72 25.10 -1.03
C GLU A 49 13.30 25.19 -2.42
N ILE A 50 12.53 24.52 -3.28
CA ILE A 50 12.65 24.36 -4.73
C ILE A 50 13.84 23.46 -5.11
N SER A 51 15.05 23.66 -4.64
CA SER A 51 16.18 22.87 -5.11
C SER A 51 17.08 22.17 -4.12
N LYS A 52 16.76 22.26 -2.84
CA LYS A 52 17.58 21.64 -1.80
C LYS A 52 17.16 20.18 -1.59
N LEU A 53 18.16 19.31 -1.60
CA LEU A 53 17.92 17.88 -1.37
C LEU A 53 17.87 17.62 0.14
N ALA A 54 16.86 16.86 0.49
CA ALA A 54 16.64 16.42 1.89
C ALA A 54 17.74 15.43 2.26
N SER A 55 17.90 15.20 3.55
CA SER A 55 18.90 14.34 4.20
C SER A 55 19.45 13.14 3.44
N GLY A 56 18.72 12.11 3.09
CA GLY A 56 19.44 11.03 2.36
C GLY A 56 19.01 10.89 0.92
N VAL A 57 18.91 11.99 0.19
CA VAL A 57 18.46 11.90 -1.23
C VAL A 57 19.70 11.78 -2.10
N PRO A 58 19.66 10.86 -3.05
CA PRO A 58 20.75 10.64 -4.00
C PRO A 58 21.02 11.86 -4.86
N ALA A 59 22.29 12.04 -5.20
CA ALA A 59 22.76 13.15 -6.03
C ALA A 59 22.20 13.23 -7.45
N ARG A 60 21.59 12.16 -7.92
CA ARG A 60 20.97 12.11 -9.25
C ARG A 60 19.72 12.99 -9.37
N PHE A 61 19.15 13.38 -8.26
CA PHE A 61 17.95 14.23 -8.15
C PHE A 61 18.37 15.69 -8.04
N SER A 62 17.52 16.48 -8.65
CA SER A 62 17.59 17.93 -8.73
C SER A 62 16.17 18.48 -8.88
N GLY A 63 16.03 19.67 -8.35
CA GLY A 63 14.81 20.47 -8.37
C GLY A 63 15.22 21.82 -8.95
N SER A 64 14.27 22.37 -9.68
CA SER A 64 14.39 23.65 -10.39
C SER A 64 13.05 24.36 -10.45
N GLY A 65 13.08 25.60 -10.94
CA GLY A 65 11.85 26.37 -11.14
C GLY A 65 11.79 27.65 -10.35
N SER A 66 10.81 28.46 -10.76
CA SER A 66 10.51 29.76 -10.14
C SER A 66 9.17 30.26 -10.68
N GLY A 67 8.58 31.10 -9.83
CA GLY A 67 7.31 31.78 -10.10
C GLY A 67 6.15 30.81 -10.07
N THR A 68 5.99 30.18 -11.23
CA THR A 68 4.88 29.24 -11.42
C THR A 68 5.22 27.85 -11.89
N SER A 69 6.33 27.61 -12.56
CA SER A 69 6.58 26.26 -13.10
C SER A 69 7.84 25.72 -12.45
N TYR A 70 7.65 24.48 -12.02
CA TYR A 70 8.68 23.74 -11.26
C TYR A 70 8.86 22.34 -11.85
N SER A 71 10.06 21.87 -11.66
CA SER A 71 10.52 20.57 -12.17
C SER A 71 11.31 19.75 -11.19
N LEU A 72 11.24 18.45 -11.40
CA LEU A 72 12.02 17.46 -10.65
C LEU A 72 12.72 16.68 -11.77
N THR A 73 14.02 16.48 -11.61
CA THR A 73 14.80 15.74 -12.59
C THR A 73 15.61 14.63 -11.92
N ILE A 74 15.70 13.54 -12.64
CA ILE A 74 16.46 12.34 -12.27
C ILE A 74 17.38 12.17 -13.50
N ASN A 75 18.66 12.32 -13.23
CA ASN A 75 19.69 12.25 -14.27
C ASN A 75 19.86 10.85 -14.88
N THR A 76 19.83 9.89 -13.99
CA THR A 76 19.94 8.49 -14.41
C THR A 76 18.81 7.84 -13.63
N MET A 77 17.78 7.37 -14.28
CA MET A 77 16.68 6.62 -13.65
C MET A 77 17.25 5.28 -13.10
N GLU A 78 17.03 5.07 -11.84
CA GLU A 78 17.40 3.83 -11.15
C GLU A 78 16.10 3.11 -10.82
N ALA A 79 16.15 1.80 -10.73
CA ALA A 79 15.01 0.92 -10.44
C ALA A 79 14.22 1.32 -9.19
N GLU A 80 14.97 1.74 -8.19
CA GLU A 80 14.47 2.21 -6.89
C GLU A 80 13.78 3.58 -6.90
N ASP A 81 13.87 4.27 -8.02
CA ASP A 81 13.22 5.59 -8.17
C ASP A 81 11.76 5.42 -8.59
N ALA A 82 11.27 4.24 -8.88
CA ALA A 82 9.89 3.90 -9.26
C ALA A 82 9.07 4.16 -7.98
N ALA A 83 8.26 5.21 -7.97
CA ALA A 83 7.46 5.74 -6.85
C ALA A 83 6.45 6.81 -7.27
N ILE A 84 5.67 7.36 -6.33
CA ILE A 84 4.78 8.50 -6.60
C ILE A 84 5.55 9.72 -6.05
N TYR A 85 5.52 10.80 -6.81
CA TYR A 85 6.22 12.06 -6.45
C TYR A 85 5.18 13.14 -6.30
N TYR A 86 5.17 13.72 -5.13
CA TYR A 86 4.22 14.78 -4.79
C TYR A 86 4.84 16.15 -4.63
N CYS A 87 4.30 17.13 -5.34
CA CYS A 87 4.77 18.52 -5.16
C CYS A 87 3.80 19.15 -4.16
N GLN A 88 4.27 20.19 -3.49
CA GLN A 88 3.51 20.91 -2.46
C GLN A 88 3.97 22.37 -2.47
N GLN A 89 2.97 23.23 -2.48
CA GLN A 89 3.29 24.67 -2.39
C GLN A 89 2.95 25.18 -0.98
N TRP A 90 3.54 26.31 -0.65
CA TRP A 90 3.22 27.05 0.56
C TRP A 90 3.06 28.51 0.05
N THR A 91 1.95 29.10 0.48
CA THR A 91 1.64 30.51 0.25
C THR A 91 0.74 30.84 1.44
N TYR A 92 1.29 31.48 2.49
CA TYR A 92 0.59 31.81 3.73
C TYR A 92 -0.81 32.38 3.51
N PRO A 93 -1.84 31.82 4.11
CA PRO A 93 -1.85 30.71 5.08
C PRO A 93 -2.21 29.33 4.57
N LEU A 94 -1.88 29.05 3.33
CA LEU A 94 -2.27 27.77 2.71
C LEU A 94 -1.12 26.89 2.20
N ILE A 95 -1.41 25.60 2.32
CA ILE A 95 -0.58 24.49 1.84
C ILE A 95 -1.55 23.67 0.94
N THR A 96 -1.05 23.37 -0.24
CA THR A 96 -1.73 22.58 -1.27
C THR A 96 -0.71 21.57 -1.79
N PHE A 97 -1.23 20.39 -2.03
CA PHE A 97 -0.46 19.25 -2.57
C PHE A 97 -1.00 18.93 -3.95
N GLY A 98 -0.08 18.63 -4.87
CA GLY A 98 -0.46 18.23 -6.23
C GLY A 98 -0.97 16.78 -6.12
N ALA A 99 -1.57 16.33 -7.20
CA ALA A 99 -2.17 14.99 -7.30
C ALA A 99 -1.14 13.88 -7.42
N GLY A 100 0.13 14.19 -7.62
CA GLY A 100 1.20 13.18 -7.70
C GLY A 100 1.44 12.73 -9.13
N THR A 101 2.65 12.25 -9.31
CA THR A 101 3.14 11.70 -10.59
C THR A 101 3.58 10.29 -10.18
N LYS A 102 3.03 9.30 -10.87
CA LYS A 102 3.41 7.88 -10.71
C LYS A 102 4.57 7.67 -11.67
N LEU A 103 5.75 7.30 -11.20
CA LEU A 103 6.88 7.06 -12.08
C LEU A 103 7.15 5.54 -12.00
N GLU A 104 7.13 5.00 -13.20
CA GLU A 104 7.35 3.55 -13.41
C GLU A 104 8.67 3.30 -14.10
N LEU A 105 9.31 2.18 -13.77
CA LEU A 105 10.54 1.83 -14.49
C LEU A 105 10.08 1.00 -15.70
N LYS A 106 10.51 1.48 -16.85
CA LYS A 106 10.26 0.83 -18.14
C LYS A 106 11.32 -0.27 -18.23
N ARG A 107 10.78 -1.46 -18.40
CA ARG A 107 11.59 -2.70 -18.47
C ARG A 107 11.16 -3.50 -19.68
N ALA A 108 11.81 -4.65 -19.87
CA ALA A 108 11.54 -5.56 -20.97
C ALA A 108 10.25 -6.31 -20.70
N ASP A 109 9.55 -6.70 -21.77
CA ASP A 109 8.32 -7.50 -21.61
C ASP A 109 8.61 -8.82 -20.93
N ALA A 110 7.66 -9.23 -20.10
CA ALA A 110 7.82 -10.48 -19.35
C ALA A 110 6.47 -11.13 -19.12
N ALA A 111 6.40 -12.39 -19.51
CA ALA A 111 5.19 -13.21 -19.35
C ALA A 111 5.09 -13.61 -17.88
N PRO A 112 3.85 -13.63 -17.41
CA PRO A 112 3.58 -14.05 -16.03
C PRO A 112 3.79 -15.54 -15.83
N THR A 113 4.15 -15.94 -14.64
CA THR A 113 4.28 -17.33 -14.21
C THR A 113 2.98 -17.54 -13.42
N VAL A 114 2.18 -18.49 -13.81
CA VAL A 114 0.89 -18.77 -13.15
C VAL A 114 1.07 -20.02 -12.26
N SER A 115 0.51 -19.95 -11.06
CA SER A 115 0.48 -21.06 -10.10
C SER A 115 -0.96 -21.06 -9.55
N ILE A 116 -1.46 -22.25 -9.38
CA ILE A 116 -2.82 -22.53 -8.88
C ILE A 116 -2.72 -23.32 -7.59
N PHE A 117 -3.45 -22.91 -6.57
CA PHE A 117 -3.48 -23.54 -5.25
C PHE A 117 -4.89 -23.94 -4.84
N PRO A 118 -5.04 -25.24 -4.61
CA PRO A 118 -6.32 -25.78 -4.13
C PRO A 118 -6.53 -25.37 -2.68
N PRO A 119 -7.76 -25.41 -2.20
CA PRO A 119 -8.11 -25.06 -0.83
C PRO A 119 -7.43 -25.95 0.22
N SER A 120 -7.18 -25.39 1.38
CA SER A 120 -6.61 -26.06 2.54
C SER A 120 -7.63 -27.02 3.15
N SER A 121 -7.14 -28.10 3.75
CA SER A 121 -8.01 -29.05 4.47
C SER A 121 -8.57 -28.33 5.72
N GLU A 122 -7.75 -27.46 6.30
CA GLU A 122 -8.01 -26.56 7.42
C GLU A 122 -9.17 -25.64 7.07
N GLN A 123 -9.17 -25.06 5.87
CA GLN A 123 -10.29 -24.20 5.49
C GLN A 123 -11.56 -25.01 5.19
N LEU A 124 -11.36 -26.15 4.57
CA LEU A 124 -12.45 -27.07 4.21
C LEU A 124 -13.22 -27.52 5.44
N THR A 125 -12.53 -27.71 6.55
CA THR A 125 -13.05 -28.08 7.88
C THR A 125 -14.06 -27.01 8.33
N SER A 126 -13.69 -25.77 8.11
CA SER A 126 -14.55 -24.61 8.42
C SER A 126 -15.77 -24.52 7.51
N GLY A 127 -15.78 -25.23 6.40
CA GLY A 127 -16.85 -25.22 5.40
C GLY A 127 -16.64 -24.14 4.33
N GLY A 128 -15.43 -23.67 4.17
CA GLY A 128 -15.01 -22.65 3.20
C GLY A 128 -13.99 -23.25 2.25
N ALA A 129 -13.86 -22.66 1.07
CA ALA A 129 -12.89 -23.17 0.08
C ALA A 129 -12.40 -22.06 -0.83
N SER A 130 -11.18 -21.58 -0.60
CA SER A 130 -10.61 -20.53 -1.45
C SER A 130 -9.56 -21.19 -2.35
N VAL A 131 -9.73 -20.91 -3.62
CA VAL A 131 -8.85 -21.42 -4.70
C VAL A 131 -8.02 -20.18 -5.04
N VAL A 132 -6.71 -20.27 -5.00
CA VAL A 132 -5.86 -19.07 -5.21
C VAL A 132 -4.97 -19.31 -6.44
N CYS A 133 -4.92 -18.28 -7.24
CA CYS A 133 -4.09 -18.21 -8.43
C CYS A 133 -3.17 -17.00 -8.24
N PHE A 134 -1.91 -17.23 -8.46
CA PHE A 134 -0.86 -16.22 -8.42
C PHE A 134 -0.29 -16.08 -9.83
N LEU A 135 -0.08 -14.84 -10.19
CA LEU A 135 0.46 -14.45 -11.52
C LEU A 135 1.68 -13.61 -11.17
N ASN A 136 2.83 -14.22 -11.38
CA ASN A 136 4.06 -13.55 -10.97
C ASN A 136 5.00 -13.07 -12.07
N ASN A 137 5.63 -11.97 -11.73
CA ASN A 137 6.74 -11.30 -12.44
C ASN A 137 6.54 -11.03 -13.92
N PHE A 138 5.50 -10.22 -14.15
CA PHE A 138 5.08 -9.84 -15.50
C PHE A 138 5.26 -8.33 -15.70
N TYR A 139 5.37 -7.97 -16.97
CA TYR A 139 5.51 -6.58 -17.42
C TYR A 139 5.02 -6.53 -18.87
N PRO A 140 4.22 -5.59 -19.33
CA PRO A 140 3.61 -4.48 -18.58
C PRO A 140 2.57 -4.95 -17.59
N LYS A 141 2.12 -4.04 -16.77
CA LYS A 141 1.16 -4.23 -15.69
C LYS A 141 -0.22 -4.77 -16.04
N ASP A 142 -0.67 -4.47 -17.24
CA ASP A 142 -2.04 -4.79 -17.70
C ASP A 142 -2.24 -6.27 -17.89
N ILE A 143 -3.24 -6.85 -17.22
CA ILE A 143 -3.50 -8.31 -17.27
C ILE A 143 -4.99 -8.57 -17.05
N ASN A 144 -5.49 -9.65 -17.59
CA ASN A 144 -6.92 -10.00 -17.43
C ASN A 144 -6.90 -11.46 -17.00
N VAL A 145 -7.52 -11.76 -15.89
CA VAL A 145 -7.61 -13.13 -15.32
C VAL A 145 -9.09 -13.56 -15.46
N LYS A 146 -9.26 -14.83 -15.72
CA LYS A 146 -10.57 -15.46 -15.84
C LYS A 146 -10.58 -16.75 -15.04
N TRP A 147 -11.70 -17.08 -14.39
CA TRP A 147 -11.81 -18.37 -13.68
C TRP A 147 -12.88 -19.22 -14.39
N LYS A 148 -12.57 -20.49 -14.47
CA LYS A 148 -13.47 -21.49 -15.07
C LYS A 148 -13.65 -22.63 -14.09
N ILE A 149 -14.88 -23.04 -13.91
CA ILE A 149 -15.31 -24.14 -13.04
C ILE A 149 -16.06 -25.08 -14.01
N ASP A 150 -15.49 -26.25 -14.22
CA ASP A 150 -15.98 -27.32 -15.10
C ASP A 150 -16.13 -26.80 -16.54
N GLY A 151 -15.09 -26.08 -16.95
CA GLY A 151 -15.00 -25.46 -18.26
C GLY A 151 -15.89 -24.23 -18.42
N SER A 152 -16.72 -23.85 -17.46
CA SER A 152 -17.52 -22.63 -17.68
C SER A 152 -17.07 -21.53 -16.70
N GLU A 153 -17.14 -20.32 -17.24
CA GLU A 153 -16.74 -19.09 -16.56
C GLU A 153 -17.49 -18.78 -15.26
N ARG A 154 -16.71 -18.27 -14.33
CA ARG A 154 -17.18 -17.88 -13.00
C ARG A 154 -16.66 -16.47 -12.78
N GLN A 155 -17.63 -15.63 -12.48
CA GLN A 155 -17.45 -14.18 -12.26
C GLN A 155 -17.53 -13.71 -10.81
N ASN A 156 -18.46 -14.24 -10.05
CA ASN A 156 -18.72 -13.86 -8.65
C ASN A 156 -17.89 -14.65 -7.64
N GLY A 157 -17.44 -13.93 -6.63
CA GLY A 157 -16.61 -14.42 -5.54
C GLY A 157 -15.11 -14.37 -5.85
N VAL A 158 -14.71 -13.64 -6.86
CA VAL A 158 -13.35 -13.44 -7.36
C VAL A 158 -12.83 -12.14 -6.69
N LEU A 159 -11.71 -12.27 -6.02
CA LEU A 159 -11.01 -11.17 -5.36
C LEU A 159 -9.66 -10.99 -6.03
N ASN A 160 -9.42 -9.82 -6.58
CA ASN A 160 -8.16 -9.55 -7.30
C ASN A 160 -7.34 -8.49 -6.57
N SER A 161 -6.05 -8.71 -6.52
CA SER A 161 -5.12 -7.77 -5.89
C SER A 161 -3.86 -7.72 -6.74
N TRP A 162 -3.47 -6.49 -7.01
CA TRP A 162 -2.30 -6.17 -7.81
C TRP A 162 -1.24 -5.59 -6.88
N THR A 163 -0.07 -6.00 -7.23
CA THR A 163 1.17 -5.57 -6.55
C THR A 163 1.54 -4.30 -7.31
N ASP A 164 2.41 -3.65 -6.64
CA ASP A 164 3.28 -2.50 -6.59
C ASP A 164 4.42 -2.87 -7.54
N GLN A 165 5.10 -1.94 -8.23
CA GLN A 165 6.21 -2.37 -9.10
C GLN A 165 7.40 -2.75 -8.20
N ASP A 166 7.86 -3.98 -8.32
CA ASP A 166 8.99 -4.54 -7.55
C ASP A 166 10.25 -3.70 -7.83
N SER A 167 11.01 -3.15 -6.89
CA SER A 167 12.11 -2.33 -7.48
C SER A 167 13.52 -2.86 -7.42
N LYS A 168 13.59 -4.13 -7.80
CA LYS A 168 14.80 -4.94 -7.96
C LYS A 168 14.71 -5.64 -9.31
N ASP A 169 13.54 -6.12 -9.65
CA ASP A 169 12.98 -6.83 -10.80
C ASP A 169 12.23 -5.95 -11.79
N SER A 170 11.62 -4.88 -11.29
CA SER A 170 10.79 -3.90 -12.02
C SER A 170 9.55 -4.56 -12.65
N THR A 171 9.13 -5.66 -12.05
CA THR A 171 7.99 -6.51 -12.37
C THR A 171 6.79 -6.30 -11.46
N TYR A 172 5.67 -6.81 -11.87
CA TYR A 172 4.38 -6.83 -11.23
C TYR A 172 3.92 -8.25 -10.95
N SER A 173 3.14 -8.34 -9.91
CA SER A 173 2.54 -9.61 -9.49
C SER A 173 1.06 -9.36 -9.22
N MET A 174 0.27 -10.42 -9.33
CA MET A 174 -1.19 -10.34 -9.07
C MET A 174 -1.64 -11.64 -8.42
N SER A 175 -2.68 -11.47 -7.61
CA SER A 175 -3.33 -12.60 -6.93
C SER A 175 -4.82 -12.50 -7.27
N SER A 176 -5.37 -13.70 -7.46
CA SER A 176 -6.80 -13.84 -7.80
C SER A 176 -7.30 -14.99 -6.94
N THR A 177 -8.28 -14.70 -6.10
CA THR A 177 -8.85 -15.68 -5.17
C THR A 177 -10.33 -15.90 -5.47
N LEU A 178 -10.65 -17.16 -5.66
CA LEU A 178 -12.03 -17.60 -5.91
C LEU A 178 -12.50 -18.23 -4.58
N THR A 179 -13.51 -17.67 -3.97
CA THR A 179 -14.00 -18.26 -2.69
C THR A 179 -15.44 -18.77 -2.96
N LEU A 180 -15.52 -20.00 -2.50
CA LEU A 180 -16.72 -20.84 -2.58
C LEU A 180 -16.95 -21.53 -1.24
N THR A 181 -18.10 -22.16 -1.13
CA THR A 181 -18.48 -22.99 0.01
C THR A 181 -17.86 -24.37 -0.19
N LYS A 182 -17.73 -25.16 0.85
CA LYS A 182 -17.23 -26.54 0.77
C LYS A 182 -18.18 -27.36 -0.13
N ASP A 183 -19.46 -27.09 -0.07
CA ASP A 183 -20.48 -27.83 -0.85
C ASP A 183 -20.32 -27.54 -2.36
N GLU A 184 -20.16 -26.26 -2.68
CA GLU A 184 -19.96 -25.74 -4.03
C GLU A 184 -18.64 -26.26 -4.58
N TYR A 185 -17.57 -26.27 -3.81
CA TYR A 185 -16.29 -26.82 -4.25
C TYR A 185 -16.37 -28.32 -4.58
N GLU A 186 -16.95 -29.05 -3.65
CA GLU A 186 -17.04 -30.52 -3.79
C GLU A 186 -17.97 -30.99 -4.90
N ARG A 187 -18.79 -30.14 -5.46
CA ARG A 187 -19.71 -30.39 -6.56
C ARG A 187 -19.03 -30.36 -7.94
N HIS A 188 -17.84 -29.80 -7.99
CA HIS A 188 -17.14 -29.68 -9.29
C HIS A 188 -15.76 -30.30 -9.23
N ASN A 189 -15.22 -30.64 -10.39
CA ASN A 189 -13.92 -31.31 -10.47
C ASN A 189 -12.78 -30.47 -11.03
N SER A 190 -12.95 -29.72 -12.10
CA SER A 190 -11.77 -28.99 -12.62
C SER A 190 -11.86 -27.49 -12.39
N TYR A 191 -10.71 -26.96 -11.97
CA TYR A 191 -10.52 -25.56 -11.61
C TYR A 191 -9.44 -24.96 -12.49
N THR A 192 -9.82 -23.87 -13.13
CA THR A 192 -8.85 -23.22 -14.04
C THR A 192 -8.84 -21.69 -13.94
N CYS A 193 -7.58 -21.25 -13.93
CA CYS A 193 -7.12 -19.87 -13.91
C CYS A 193 -6.44 -19.60 -15.26
N GLU A 194 -6.96 -18.60 -15.96
CA GLU A 194 -6.42 -18.22 -17.27
C GLU A 194 -6.15 -16.72 -17.29
N ALA A 195 -4.97 -16.36 -17.73
CA ALA A 195 -4.44 -15.01 -17.85
C ALA A 195 -4.23 -14.61 -19.31
N THR A 196 -4.62 -13.42 -19.67
CA THR A 196 -4.49 -12.77 -20.98
C THR A 196 -3.50 -11.63 -20.73
N HIS A 197 -2.40 -11.69 -21.45
CA HIS A 197 -1.32 -10.67 -21.38
C HIS A 197 -0.75 -10.44 -22.77
N LYS A 198 -0.17 -9.25 -22.99
CA LYS A 198 0.42 -8.89 -24.30
C LYS A 198 1.52 -9.84 -24.78
N THR A 199 2.25 -10.43 -23.85
CA THR A 199 3.35 -11.35 -24.20
C THR A 199 2.92 -12.69 -24.79
N SER A 200 1.62 -12.93 -24.94
CA SER A 200 1.10 -14.20 -25.48
C SER A 200 -0.15 -13.96 -26.32
N THR A 201 -0.24 -14.71 -27.41
CA THR A 201 -1.42 -14.58 -28.29
C THR A 201 -2.67 -15.21 -27.70
N SER A 202 -2.41 -16.32 -27.04
CA SER A 202 -3.37 -17.17 -26.34
C SER A 202 -3.17 -17.00 -24.83
N PRO A 203 -4.21 -17.39 -24.11
CA PRO A 203 -4.20 -17.35 -22.65
C PRO A 203 -3.19 -18.28 -22.00
N ILE A 204 -2.66 -17.89 -20.85
CA ILE A 204 -1.71 -18.68 -20.03
C ILE A 204 -2.71 -19.32 -19.03
N VAL A 205 -2.80 -20.62 -19.11
CA VAL A 205 -3.74 -21.49 -18.36
C VAL A 205 -2.97 -22.37 -17.37
N LYS A 206 -3.55 -22.46 -16.18
CA LYS A 206 -3.03 -23.33 -15.12
C LYS A 206 -4.27 -23.94 -14.47
N SER A 207 -4.31 -25.27 -14.45
CA SER A 207 -5.52 -25.94 -13.92
C SER A 207 -5.19 -27.14 -13.05
N PHE A 208 -6.18 -27.54 -12.28
CA PHE A 208 -6.12 -28.70 -11.38
C PHE A 208 -7.47 -29.44 -11.47
N ASN A 209 -7.34 -30.73 -11.17
CA ASN A 209 -8.48 -31.65 -11.12
C ASN A 209 -8.56 -32.24 -9.73
N ARG A 210 -9.72 -32.04 -9.14
CA ARG A 210 -10.13 -32.55 -7.82
C ARG A 210 -11.11 -33.68 -8.13
N ASN A 211 -10.72 -34.91 -7.89
CA ASN A 211 -11.58 -36.09 -8.14
C ASN A 211 -11.05 -37.24 -7.27
N GLU A 212 -11.87 -38.26 -7.08
CA GLU A 212 -11.70 -39.51 -6.31
C GLU A 212 -11.13 -39.21 -4.93
N CYS A 213 -9.94 -39.58 -4.50
CA CYS A 213 -9.26 -39.37 -3.22
C CYS A 213 -10.20 -39.77 -2.08
N GLU B 1 16.77 11.29 18.61
CA GLU B 1 16.25 11.59 17.27
C GLU B 1 14.76 11.89 17.33
N VAL B 2 14.30 12.70 16.40
CA VAL B 2 12.92 13.21 16.20
C VAL B 2 11.97 12.00 16.05
N LYS B 3 10.86 12.13 16.76
CA LYS B 3 9.84 11.07 16.70
C LYS B 3 8.45 11.68 16.83
N LEU B 4 7.54 11.14 16.02
CA LEU B 4 6.13 11.57 16.04
C LEU B 4 5.33 10.27 15.99
N LEU B 5 4.46 10.14 16.98
CA LEU B 5 3.66 8.90 17.06
C LEU B 5 2.19 9.21 17.27
N GLU B 6 1.43 8.85 16.24
CA GLU B 6 -0.02 9.09 16.25
C GLU B 6 -0.72 7.90 16.88
N SER B 7 -1.78 8.19 17.59
CA SER B 7 -2.66 7.22 18.24
C SER B 7 -4.08 7.73 18.22
N GLY B 8 -5.05 6.88 18.57
CA GLY B 8 -6.46 7.29 18.63
C GLY B 8 -7.27 6.79 17.45
N GLY B 9 -6.63 6.31 16.40
CA GLY B 9 -7.28 5.78 15.21
C GLY B 9 -7.89 4.41 15.56
N GLY B 10 -8.77 4.03 14.65
CA GLY B 10 -9.52 2.77 14.78
C GLY B 10 -10.88 2.98 14.14
N LEU B 11 -11.75 2.05 14.50
CA LEU B 11 -13.13 1.99 14.04
C LEU B 11 -14.02 2.97 14.80
N VAL B 12 -14.76 3.69 13.98
CA VAL B 12 -15.68 4.72 14.49
C VAL B 12 -16.94 4.58 13.64
N GLN B 13 -18.05 4.75 14.32
CA GLN B 13 -19.37 4.70 13.68
C GLN B 13 -19.61 5.94 12.83
N PRO B 14 -20.23 5.81 11.67
CA PRO B 14 -20.61 6.93 10.79
C PRO B 14 -21.46 7.94 11.55
N GLY B 15 -21.13 9.22 11.45
CA GLY B 15 -21.82 10.25 12.21
C GLY B 15 -21.19 10.41 13.60
N GLY B 16 -20.22 9.59 13.97
CA GLY B 16 -19.52 9.64 15.24
C GLY B 16 -18.46 10.75 15.21
N SER B 17 -17.74 10.82 16.30
CA SER B 17 -16.66 11.75 16.59
C SER B 17 -15.53 11.04 17.34
N LEU B 18 -14.30 11.48 17.14
CA LEU B 18 -13.11 10.93 17.81
C LEU B 18 -12.03 12.00 17.94
N LYS B 19 -11.09 11.75 18.84
CA LYS B 19 -9.96 12.69 19.02
C LYS B 19 -8.70 11.86 18.76
N LEU B 20 -7.86 12.37 17.90
CA LEU B 20 -6.55 11.75 17.59
C LEU B 20 -5.46 12.53 18.33
N SER B 21 -4.37 11.83 18.63
CA SER B 21 -3.24 12.40 19.34
C SER B 21 -1.95 12.09 18.62
N CYS B 22 -0.98 12.97 18.74
CA CYS B 22 0.34 12.83 18.13
C CYS B 22 1.33 13.22 19.22
N ALA B 23 2.08 12.22 19.62
CA ALA B 23 3.08 12.39 20.71
C ALA B 23 4.42 12.73 20.07
N ALA B 24 5.02 13.82 20.53
CA ALA B 24 6.30 14.21 19.92
C ALA B 24 7.43 14.09 20.93
N SER B 25 8.54 13.58 20.44
CA SER B 25 9.73 13.43 21.30
C SER B 25 11.00 13.66 20.49
N GLY B 26 12.03 14.05 21.23
CA GLY B 26 13.38 14.28 20.75
C GLY B 26 13.72 15.65 20.21
N PHE B 27 12.82 16.57 20.41
CA PHE B 27 12.85 17.98 20.00
C PHE B 27 11.95 18.72 21.01
N ASP B 28 12.20 20.02 21.05
CA ASP B 28 11.41 20.90 21.94
C ASP B 28 10.20 21.32 21.10
N PHE B 29 9.13 20.60 21.37
CA PHE B 29 7.82 20.69 20.73
C PHE B 29 7.27 22.11 20.69
N SER B 30 7.43 22.81 21.79
CA SER B 30 6.92 24.17 22.00
C SER B 30 7.42 25.21 21.02
N LYS B 31 8.50 24.95 20.30
CA LYS B 31 9.03 25.95 19.35
C LYS B 31 8.58 25.76 17.90
N TYR B 32 7.96 24.64 17.59
CA TYR B 32 7.59 24.36 16.19
C TYR B 32 6.12 24.37 15.89
N TRP B 33 5.89 24.82 14.65
CA TRP B 33 4.59 24.81 13.98
C TRP B 33 4.32 23.32 13.66
N MET B 34 3.09 22.91 13.87
CA MET B 34 2.75 21.50 13.66
C MET B 34 1.56 21.37 12.71
N SER B 35 1.50 20.29 11.93
CA SER B 35 0.38 20.13 11.00
C SER B 35 -0.19 18.72 10.95
N TRP B 36 -1.37 18.60 10.37
CA TRP B 36 -2.02 17.30 10.13
C TRP B 36 -2.22 17.18 8.61
N VAL B 37 -1.98 16.00 8.08
CA VAL B 37 -2.17 15.66 6.65
C VAL B 37 -2.97 14.34 6.69
N ARG B 38 -3.77 14.09 5.67
CA ARG B 38 -4.52 12.81 5.59
C ARG B 38 -4.33 12.26 4.18
N GLN B 39 -4.55 10.97 4.07
CA GLN B 39 -4.48 10.22 2.82
C GLN B 39 -5.50 9.07 2.91
N ALA B 40 -6.49 9.23 2.05
CA ALA B 40 -7.55 8.19 1.88
C ALA B 40 -6.91 7.07 1.05
N PRO B 41 -7.36 5.84 1.26
CA PRO B 41 -6.85 4.64 0.57
C PRO B 41 -6.85 4.81 -0.94
N GLY B 42 -5.67 4.76 -1.53
CA GLY B 42 -5.56 4.96 -2.99
C GLY B 42 -5.63 6.39 -3.50
N LYS B 43 -5.81 7.37 -2.64
CA LYS B 43 -5.90 8.80 -3.00
C LYS B 43 -4.58 9.51 -2.70
N GLY B 44 -4.49 10.80 -2.96
CA GLY B 44 -3.32 11.64 -2.71
C GLY B 44 -3.37 12.27 -1.31
N LEU B 45 -2.42 13.16 -1.09
CA LEU B 45 -2.22 13.88 0.18
C LEU B 45 -3.14 15.09 0.24
N GLU B 46 -3.76 15.27 1.38
CA GLU B 46 -4.65 16.40 1.63
C GLU B 46 -4.30 17.07 2.96
N TRP B 47 -4.01 18.37 2.86
CA TRP B 47 -3.72 19.12 4.10
C TRP B 47 -4.99 19.38 4.90
N ILE B 48 -4.91 19.26 6.21
CA ILE B 48 -6.02 19.55 7.15
C ILE B 48 -5.74 20.97 7.69
N GLY B 49 -4.55 21.09 8.24
CA GLY B 49 -4.25 22.44 8.78
C GLY B 49 -3.01 22.41 9.65
N GLU B 50 -2.80 23.59 10.17
CA GLU B 50 -1.64 23.85 11.04
C GLU B 50 -1.96 24.66 12.30
N ILE B 51 -1.04 24.58 13.25
CA ILE B 51 -1.15 25.28 14.53
C ILE B 51 0.17 25.98 14.87
N HIS B 52 -0.01 27.21 15.30
CA HIS B 52 1.12 28.03 15.79
C HIS B 52 1.60 27.45 17.11
N PRO B 53 2.89 27.50 17.38
CA PRO B 53 3.50 27.00 18.61
C PRO B 53 2.80 27.41 19.91
N ASP B 54 2.22 28.60 19.91
CA ASP B 54 1.54 28.98 21.18
C ASP B 54 0.04 29.10 21.01
N SER B 55 -0.59 28.25 20.23
CA SER B 55 -2.02 28.04 19.97
C SER B 55 -2.87 29.21 19.46
N GLY B 56 -2.27 30.37 19.31
CA GLY B 56 -2.96 31.56 18.84
C GLY B 56 -3.46 31.61 17.40
N THR B 57 -2.77 30.96 16.49
CA THR B 57 -3.17 30.95 15.08
C THR B 57 -3.32 29.49 14.62
N ILE B 58 -4.51 29.26 14.13
CA ILE B 58 -4.83 27.91 13.59
C ILE B 58 -5.33 28.20 12.16
N ASN B 59 -4.64 27.54 11.24
CA ASN B 59 -5.01 27.69 9.82
C ASN B 59 -5.55 26.35 9.32
N TYR B 60 -6.58 26.37 8.52
CA TYR B 60 -7.20 25.15 7.97
C TYR B 60 -7.40 25.27 6.47
N THR B 61 -7.63 24.13 5.81
CA THR B 61 -8.06 24.01 4.41
C THR B 61 -9.54 24.43 4.52
N PRO B 62 -9.88 25.50 3.82
CA PRO B 62 -11.22 26.10 3.85
C PRO B 62 -12.41 25.15 3.87
N SER B 63 -12.33 24.10 3.08
CA SER B 63 -13.41 23.11 3.02
C SER B 63 -13.59 22.29 4.29
N LEU B 64 -12.47 22.02 4.94
CA LEU B 64 -12.37 21.19 6.15
C LEU B 64 -12.49 21.95 7.45
N LYS B 65 -12.54 23.26 7.43
CA LYS B 65 -12.73 24.18 8.54
C LYS B 65 -13.92 23.82 9.43
N ASP B 66 -14.94 23.24 8.84
CA ASP B 66 -16.23 22.83 9.39
C ASP B 66 -16.29 21.48 10.06
N LYS B 67 -15.26 20.65 10.10
CA LYS B 67 -15.37 19.36 10.80
C LYS B 67 -14.13 18.93 11.59
N PHE B 68 -13.06 19.69 11.50
CA PHE B 68 -11.80 19.39 12.19
C PHE B 68 -11.42 20.53 13.14
N ILE B 69 -10.88 20.18 14.28
CA ILE B 69 -10.42 21.16 15.27
C ILE B 69 -9.01 20.69 15.63
N ILE B 70 -8.08 21.57 15.37
CA ILE B 70 -6.66 21.33 15.69
C ILE B 70 -6.46 22.05 17.04
N SER B 71 -5.69 21.40 17.88
CA SER B 71 -5.29 21.88 19.21
C SER B 71 -3.98 21.22 19.60
N ARG B 72 -3.34 21.72 20.64
CA ARG B 72 -2.05 21.25 21.15
C ARG B 72 -1.94 21.53 22.66
N ASP B 73 -1.06 20.79 23.32
CA ASP B 73 -0.90 21.09 24.76
C ASP B 73 0.35 21.95 24.95
N ASN B 74 1.51 21.35 24.80
CA ASN B 74 2.89 21.83 24.90
C ASN B 74 3.48 21.19 26.17
N ALA B 75 2.77 21.15 27.27
CA ALA B 75 3.22 20.48 28.51
C ALA B 75 3.32 18.98 28.24
N LYS B 76 2.22 18.46 27.71
CA LYS B 76 2.06 17.06 27.32
C LYS B 76 2.79 16.70 26.03
N ASN B 77 3.29 17.70 25.30
CA ASN B 77 4.03 17.58 24.02
C ASN B 77 3.20 16.79 22.99
N SER B 78 1.89 17.05 23.03
CA SER B 78 0.91 16.42 22.15
C SER B 78 0.15 17.47 21.35
N LEU B 79 -0.14 17.04 20.15
CA LEU B 79 -0.94 17.68 19.11
C LEU B 79 -2.20 16.80 19.02
N TYR B 80 -3.34 17.45 18.82
CA TYR B 80 -4.64 16.78 18.72
C TYR B 80 -5.40 17.18 17.46
N LEU B 81 -6.31 16.30 17.06
CA LEU B 81 -7.22 16.51 15.94
C LEU B 81 -8.59 15.95 16.38
N GLN B 82 -9.58 16.82 16.36
CA GLN B 82 -10.96 16.40 16.70
C GLN B 82 -11.71 16.34 15.38
N MET B 83 -12.33 15.22 15.09
CA MET B 83 -13.14 14.97 13.89
C MET B 83 -14.57 14.80 14.42
N SER B 84 -15.43 15.64 13.89
CA SER B 84 -16.81 15.68 14.39
C SER B 84 -17.94 14.95 13.71
N LYS B 85 -18.22 14.91 12.44
CA LYS B 85 -19.45 14.16 12.03
C LYS B 85 -19.04 13.32 10.84
N VAL B 86 -18.14 12.41 11.18
CA VAL B 86 -17.37 11.44 10.40
C VAL B 86 -18.26 10.69 9.41
N ARG B 87 -17.82 10.72 8.18
CA ARG B 87 -18.43 10.08 7.00
C ARG B 87 -17.50 8.98 6.52
N SER B 88 -18.02 8.02 5.77
CA SER B 88 -17.23 6.92 5.18
C SER B 88 -16.00 7.37 4.39
N GLU B 89 -16.13 8.53 3.82
CA GLU B 89 -15.35 9.45 3.03
C GLU B 89 -14.13 9.94 3.82
N ASP B 90 -14.24 9.99 5.13
CA ASP B 90 -13.21 10.40 6.08
C ASP B 90 -12.28 9.25 6.45
N THR B 91 -12.50 8.04 6.00
CA THR B 91 -11.64 6.85 6.20
C THR B 91 -10.28 7.17 5.57
N ALA B 92 -9.20 7.21 6.33
CA ALA B 92 -7.85 7.57 5.85
C ALA B 92 -6.79 7.40 6.92
N LEU B 93 -5.54 7.47 6.48
CA LEU B 93 -4.40 7.51 7.40
C LEU B 93 -4.21 9.02 7.65
N TYR B 94 -4.12 9.30 8.94
CA TYR B 94 -3.95 10.68 9.46
C TYR B 94 -2.52 10.79 9.97
N TYR B 95 -1.79 11.72 9.40
CA TYR B 95 -0.39 11.93 9.75
C TYR B 95 -0.17 13.28 10.42
N CYS B 96 0.63 13.22 11.49
CA CYS B 96 1.00 14.55 12.05
C CYS B 96 2.40 14.78 11.49
N ALA B 97 2.75 16.04 11.30
CA ALA B 97 4.06 16.42 10.78
C ALA B 97 4.58 17.68 11.46
N ARG B 98 5.89 17.76 11.53
CA ARG B 98 6.55 18.96 12.11
C ARG B 98 6.93 19.85 10.93
N LEU B 99 6.42 21.07 11.00
CA LEU B 99 6.68 22.04 9.93
C LEU B 99 7.97 22.80 10.17
N HIS B 100 8.56 23.10 9.03
CA HIS B 100 9.77 23.97 9.06
C HIS B 100 9.46 25.25 8.31
N TYR B 101 10.43 26.15 8.21
CA TYR B 101 10.28 27.41 7.45
C TYR B 101 9.93 27.10 6.01
N TYR B 102 9.11 27.94 5.40
CA TYR B 102 8.62 27.84 4.02
C TYR B 102 7.57 26.74 3.83
N GLY B 103 6.94 26.30 4.92
CA GLY B 103 5.88 25.34 5.07
C GLY B 103 6.19 23.93 4.57
N TYR B 104 7.38 23.51 4.95
CA TYR B 104 7.88 22.18 4.57
C TYR B 104 7.62 21.19 5.69
N ASN B 105 7.12 20.02 5.35
CA ASN B 105 6.85 18.94 6.35
C ASN B 105 8.17 18.15 6.38
N ALA B 106 9.05 18.57 7.28
CA ALA B 106 10.39 18.03 7.47
C ALA B 106 10.38 16.65 8.13
N TYR B 107 9.48 16.43 9.08
CA TYR B 107 9.40 15.12 9.75
C TYR B 107 7.93 14.73 9.80
N TRP B 108 7.69 13.46 9.55
CA TRP B 108 6.33 12.92 9.50
C TRP B 108 6.18 11.73 10.45
N GLY B 109 4.96 11.54 10.93
CA GLY B 109 4.70 10.35 11.76
C GLY B 109 4.44 9.17 10.80
N GLN B 110 4.14 8.03 11.41
CA GLN B 110 3.82 6.87 10.56
C GLN B 110 2.34 6.84 10.24
N GLY B 111 1.50 7.65 10.85
CA GLY B 111 0.07 7.72 10.56
C GLY B 111 -0.77 6.74 11.36
N THR B 112 -2.01 7.12 11.56
CA THR B 112 -2.98 6.27 12.30
C THR B 112 -4.20 6.15 11.38
N LEU B 113 -4.76 4.96 11.27
CA LEU B 113 -5.90 4.73 10.39
C LEU B 113 -7.24 4.95 11.10
N VAL B 114 -8.10 5.66 10.42
CA VAL B 114 -9.47 5.91 10.92
C VAL B 114 -10.34 5.17 9.87
N THR B 115 -11.17 4.30 10.38
CA THR B 115 -12.12 3.51 9.58
C THR B 115 -13.50 3.89 10.13
N VAL B 116 -14.24 4.48 9.24
CA VAL B 116 -15.59 5.00 9.49
C VAL B 116 -16.48 3.90 8.90
N SER B 117 -16.98 3.08 9.79
CA SER B 117 -17.82 1.92 9.44
C SER B 117 -18.59 1.48 10.69
N ALA B 118 -19.69 0.82 10.40
CA ALA B 118 -20.66 0.19 11.30
C ALA B 118 -20.39 -1.30 11.50
N GLU B 119 -19.63 -1.90 10.61
CA GLU B 119 -19.20 -3.29 10.53
C GLU B 119 -18.24 -3.59 11.67
N SER B 120 -18.50 -4.72 12.29
CA SER B 120 -17.70 -5.12 13.45
C SER B 120 -16.34 -5.68 13.06
N ALA B 121 -15.40 -5.46 13.96
CA ALA B 121 -14.01 -5.95 13.85
C ALA B 121 -14.02 -7.49 13.80
N ARG B 122 -13.02 -8.01 13.12
CA ARG B 122 -12.86 -9.45 12.87
C ARG B 122 -11.39 -9.75 12.65
N ASN B 123 -10.95 -10.76 13.35
CA ASN B 123 -9.56 -11.21 13.28
C ASN B 123 -9.38 -12.14 12.08
N PRO B 124 -8.22 -12.10 11.46
CA PRO B 124 -7.96 -13.02 10.35
C PRO B 124 -7.80 -14.47 10.78
N THR B 125 -8.10 -15.35 9.83
CA THR B 125 -7.88 -16.80 9.94
C THR B 125 -6.77 -17.01 8.91
N ILE B 126 -5.73 -17.70 9.32
CA ILE B 126 -4.57 -17.89 8.41
C ILE B 126 -4.56 -19.36 7.95
N TYR B 127 -4.42 -19.45 6.64
CA TYR B 127 -4.40 -20.80 6.03
C TYR B 127 -3.16 -20.99 5.18
N PRO B 128 -2.66 -22.22 5.17
CA PRO B 128 -1.50 -22.55 4.35
C PRO B 128 -1.81 -22.72 2.86
N LEU B 129 -0.86 -22.27 2.07
CA LEU B 129 -0.90 -22.37 0.61
C LEU B 129 0.34 -23.22 0.29
N THR B 130 0.03 -24.46 -0.01
CA THR B 130 1.04 -25.48 -0.36
C THR B 130 0.49 -26.37 -1.47
N LEU B 131 1.41 -26.76 -2.36
CA LEU B 131 0.91 -27.62 -3.48
C LEU B 131 1.56 -29.00 -3.40
N PRO B 132 0.75 -29.98 -3.83
CA PRO B 132 1.21 -31.38 -3.86
C PRO B 132 2.38 -31.56 -4.83
N PRO B 133 3.24 -32.53 -4.55
CA PRO B 133 4.41 -32.90 -5.35
C PRO B 133 4.30 -32.84 -6.87
N ALA B 134 3.09 -33.17 -7.32
CA ALA B 134 2.72 -33.17 -8.74
C ALA B 134 1.71 -32.05 -8.96
N LEU B 135 2.25 -30.83 -8.89
CA LEU B 135 1.54 -29.57 -9.09
C LEU B 135 2.45 -28.37 -9.35
N SER B 136 3.68 -28.35 -8.94
CA SER B 136 4.71 -27.29 -9.12
C SER B 136 6.07 -27.93 -8.81
N SER B 137 7.10 -27.19 -8.48
CA SER B 137 8.48 -27.26 -8.04
C SER B 137 9.38 -26.46 -9.01
N ASP B 138 10.48 -26.06 -8.43
CA ASP B 138 11.69 -25.36 -8.78
C ASP B 138 11.47 -24.14 -9.67
N PRO B 139 11.30 -23.00 -9.01
CA PRO B 139 11.26 -22.79 -7.56
C PRO B 139 9.93 -23.23 -6.94
N VAL B 140 9.97 -23.39 -5.63
CA VAL B 140 8.86 -23.75 -4.75
C VAL B 140 8.16 -22.40 -4.45
N ILE B 141 6.86 -22.55 -4.47
CA ILE B 141 5.98 -21.39 -4.13
C ILE B 141 5.12 -21.91 -2.96
N ILE B 142 5.17 -21.18 -1.87
CA ILE B 142 4.39 -21.43 -0.66
C ILE B 142 3.73 -20.09 -0.24
N GLY B 143 2.68 -20.17 0.54
CA GLY B 143 2.03 -18.93 0.97
C GLY B 143 1.21 -19.03 2.24
N CYS B 144 0.61 -17.91 2.63
CA CYS B 144 -0.28 -17.80 3.78
C CYS B 144 -1.48 -16.96 3.32
N LEU B 145 -2.66 -17.52 3.37
CA LEU B 145 -3.89 -16.79 3.03
C LEU B 145 -4.36 -16.15 4.35
N ILE B 146 -4.41 -14.84 4.39
CA ILE B 146 -4.84 -14.10 5.61
C ILE B 146 -6.28 -13.68 5.33
N HIS B 147 -7.19 -14.51 5.83
CA HIS B 147 -8.61 -14.34 5.48
C HIS B 147 -9.62 -13.83 6.49
N ASP B 148 -10.53 -13.07 5.91
CA ASP B 148 -11.74 -12.49 6.50
C ASP B 148 -11.48 -11.75 7.81
N TYR B 149 -10.90 -10.58 7.64
CA TYR B 149 -10.58 -9.67 8.76
C TYR B 149 -11.12 -8.28 8.43
N PHE B 150 -11.27 -7.48 9.47
CA PHE B 150 -11.71 -6.07 9.38
C PHE B 150 -11.37 -5.36 10.70
N PRO B 151 -10.96 -4.10 10.71
CA PRO B 151 -10.68 -3.27 9.54
C PRO B 151 -9.36 -3.68 8.88
N SER B 152 -8.92 -3.02 7.84
CA SER B 152 -7.66 -3.41 7.17
C SER B 152 -6.43 -3.25 8.06
N GLY B 153 -6.29 -2.10 8.68
CA GLY B 153 -5.17 -1.79 9.57
C GLY B 153 -3.80 -1.97 8.91
N THR B 154 -2.84 -2.31 9.72
CA THR B 154 -1.45 -2.57 9.34
C THR B 154 -1.16 -4.05 9.60
N MET B 155 -0.82 -4.74 8.53
CA MET B 155 -0.48 -6.17 8.52
C MET B 155 1.02 -6.39 8.38
N ASN B 156 1.64 -6.98 9.39
CA ASN B 156 3.10 -7.25 9.32
C ASN B 156 3.25 -8.74 8.99
N VAL B 157 3.81 -9.05 7.84
CA VAL B 157 3.97 -10.49 7.47
C VAL B 157 5.46 -10.70 7.18
N THR B 158 6.03 -11.58 7.96
CA THR B 158 7.41 -12.05 8.01
C THR B 158 7.46 -13.57 7.82
N TRP B 159 8.46 -14.04 7.12
CA TRP B 159 8.72 -15.46 6.86
C TRP B 159 10.00 -15.88 7.59
N GLY B 160 10.00 -17.14 8.00
CA GLY B 160 11.07 -17.81 8.73
C GLY B 160 12.40 -17.89 7.98
N LYS B 161 12.35 -17.78 6.67
CA LYS B 161 13.49 -17.86 5.77
C LYS B 161 13.59 -16.63 4.87
N SER B 162 14.84 -16.29 4.68
CA SER B 162 15.32 -15.15 3.89
C SER B 162 16.65 -15.55 3.24
N GLY B 163 16.89 -14.92 2.11
CA GLY B 163 18.11 -15.13 1.31
C GLY B 163 18.07 -14.28 0.03
N LYS B 164 19.06 -14.59 -0.80
CA LYS B 164 19.27 -13.91 -2.09
C LYS B 164 18.24 -14.34 -3.13
N ASP B 165 17.99 -15.65 -3.19
CA ASP B 165 17.01 -16.16 -4.17
C ASP B 165 15.66 -16.49 -3.52
N ILE B 166 15.37 -15.91 -2.37
CA ILE B 166 14.10 -16.13 -1.65
C ILE B 166 13.36 -14.79 -1.73
N THR B 167 12.21 -14.84 -2.40
CA THR B 167 11.39 -13.66 -2.64
C THR B 167 10.04 -13.69 -1.91
N THR B 168 9.78 -12.56 -1.26
CA THR B 168 8.49 -12.42 -0.58
C THR B 168 7.67 -11.38 -1.34
N VAL B 169 6.42 -11.76 -1.47
CA VAL B 169 5.45 -10.87 -2.14
C VAL B 169 4.27 -10.79 -1.15
N ASN B 170 4.03 -9.55 -0.77
CA ASN B 170 2.89 -9.26 0.13
C ASN B 170 1.82 -8.58 -0.73
N PHE B 171 0.74 -9.30 -0.96
CA PHE B 171 -0.36 -8.77 -1.81
C PHE B 171 -1.22 -7.81 -1.00
N PRO B 172 -1.52 -6.66 -1.56
CA PRO B 172 -2.37 -5.70 -0.82
C PRO B 172 -3.76 -6.27 -0.55
N PRO B 173 -4.38 -5.96 0.59
CA PRO B 173 -5.71 -6.46 0.93
C PRO B 173 -6.77 -6.04 -0.11
N ALA B 174 -7.64 -6.96 -0.37
CA ALA B 174 -8.78 -6.89 -1.30
C ALA B 174 -10.06 -7.02 -0.46
N LEU B 175 -11.06 -6.18 -0.72
CA LEU B 175 -12.31 -6.21 0.05
C LEU B 175 -13.36 -7.05 -0.67
N ALA B 176 -13.92 -8.02 0.01
CA ALA B 176 -14.94 -8.94 -0.55
C ALA B 176 -16.31 -8.29 -0.66
N SER B 177 -17.43 -8.97 -0.48
CA SER B 177 -18.78 -8.42 -0.59
C SER B 177 -19.24 -8.08 0.83
N GLY B 178 -19.32 -9.00 1.76
CA GLY B 178 -19.72 -8.84 3.14
C GLY B 178 -19.29 -7.58 3.88
N GLY B 179 -18.09 -7.17 3.52
CA GLY B 179 -17.31 -6.03 3.96
C GLY B 179 -16.06 -6.46 4.72
N ARG B 180 -15.51 -7.61 4.36
CA ARG B 180 -14.35 -8.28 4.95
C ARG B 180 -13.21 -8.39 3.93
N TYR B 181 -12.02 -8.12 4.41
CA TYR B 181 -10.77 -8.13 3.66
C TYR B 181 -10.03 -9.47 3.65
N THR B 182 -9.22 -9.68 2.62
CA THR B 182 -8.37 -10.86 2.48
C THR B 182 -7.09 -10.37 1.80
N MET B 183 -6.02 -10.92 2.30
CA MET B 183 -4.69 -10.71 1.71
C MET B 183 -4.03 -12.10 1.65
N SER B 184 -2.93 -12.15 0.92
CA SER B 184 -2.12 -13.36 0.79
C SER B 184 -0.68 -12.84 0.77
N ASN B 185 0.13 -13.75 1.26
CA ASN B 185 1.58 -13.49 1.28
C ASN B 185 2.20 -14.73 0.62
N GLN B 186 3.19 -14.47 -0.21
CA GLN B 186 3.81 -15.60 -0.93
C GLN B 186 5.33 -15.57 -0.80
N LEU B 187 5.84 -16.79 -0.70
CA LEU B 187 7.28 -17.00 -0.65
C LEU B 187 7.71 -17.91 -1.81
N THR B 188 8.66 -17.35 -2.56
CA THR B 188 9.25 -18.12 -3.68
C THR B 188 10.69 -18.38 -3.26
N LEU B 189 11.11 -19.63 -3.41
CA LEU B 189 12.47 -20.06 -3.03
C LEU B 189 12.84 -21.26 -3.89
N PRO B 190 14.12 -21.43 -4.15
CA PRO B 190 14.65 -22.57 -4.91
C PRO B 190 14.26 -23.90 -4.23
N ALA B 191 13.83 -24.89 -4.97
CA ALA B 191 13.41 -26.19 -4.40
C ALA B 191 14.41 -26.82 -3.42
N VAL B 192 15.67 -26.58 -3.64
CA VAL B 192 16.87 -26.99 -2.87
C VAL B 192 16.86 -26.34 -1.49
N GLU B 193 16.26 -25.17 -1.39
CA GLU B 193 16.07 -24.39 -0.17
C GLU B 193 14.81 -24.82 0.56
N CYS B 194 13.89 -25.57 -0.06
CA CYS B 194 12.68 -26.00 0.65
C CYS B 194 12.33 -27.44 0.29
N PRO B 195 13.12 -28.39 0.80
CA PRO B 195 12.97 -29.81 0.52
C PRO B 195 11.71 -30.42 1.13
N GLU B 196 11.22 -31.51 0.60
CA GLU B 196 10.02 -32.18 1.14
C GLU B 196 10.31 -32.67 2.58
N GLY B 197 9.27 -32.51 3.36
CA GLY B 197 9.29 -32.81 4.79
C GLY B 197 9.61 -31.55 5.61
N GLU B 198 10.17 -30.50 5.04
CA GLU B 198 10.52 -29.26 5.76
C GLU B 198 9.39 -28.23 5.66
N SER B 199 9.42 -27.25 6.55
CA SER B 199 8.40 -26.19 6.58
C SER B 199 9.03 -24.82 6.82
N VAL B 200 8.26 -23.77 6.51
CA VAL B 200 8.70 -22.40 6.69
C VAL B 200 7.53 -21.72 7.43
N LYS B 201 7.94 -20.96 8.43
CA LYS B 201 6.98 -20.25 9.28
C LYS B 201 6.63 -18.88 8.71
N CYS B 202 5.35 -18.62 8.68
CA CYS B 202 4.83 -17.28 8.30
C CYS B 202 4.35 -16.67 9.63
N SER B 203 4.76 -15.45 9.92
CA SER B 203 4.43 -14.69 11.13
C SER B 203 3.60 -13.47 10.70
N VAL B 204 2.37 -13.44 11.20
CA VAL B 204 1.37 -12.41 10.85
C VAL B 204 1.08 -11.57 12.11
N GLN B 205 1.10 -10.28 11.90
CA GLN B 205 0.79 -9.31 12.96
C GLN B 205 -0.25 -8.31 12.48
N HIS B 206 -1.46 -8.42 13.01
CA HIS B 206 -2.57 -7.52 12.63
C HIS B 206 -2.58 -6.43 13.70
N ASP B 207 -2.30 -5.19 13.34
CA ASP B 207 -2.27 -3.98 14.21
C ASP B 207 -1.40 -4.19 15.45
N SER B 208 -1.86 -4.00 16.67
CA SER B 208 -1.14 -4.18 17.93
C SER B 208 -1.44 -5.52 18.60
N ASN B 209 -2.08 -6.43 17.89
CA ASN B 209 -2.46 -7.77 18.34
C ASN B 209 -1.26 -8.71 18.34
N PRO B 210 -1.35 -9.73 19.18
CA PRO B 210 -0.31 -10.78 19.28
C PRO B 210 -0.06 -11.47 17.94
N VAL B 211 1.15 -11.89 17.67
CA VAL B 211 1.49 -12.55 16.38
C VAL B 211 0.76 -13.90 16.24
N GLN B 212 0.36 -14.16 15.01
CA GLN B 212 -0.28 -15.43 14.65
C GLN B 212 0.77 -16.06 13.73
N GLU B 213 1.18 -17.26 14.07
CA GLU B 213 2.19 -18.05 13.35
C GLU B 213 1.60 -19.32 12.76
N LEU B 214 2.08 -19.66 11.57
CA LEU B 214 1.69 -20.85 10.81
C LEU B 214 2.94 -21.49 10.20
N ASP B 215 3.04 -22.79 10.37
CA ASP B 215 4.12 -23.57 9.77
C ASP B 215 3.51 -24.07 8.44
N VAL B 216 4.18 -23.65 7.37
CA VAL B 216 3.74 -23.95 6.00
C VAL B 216 4.74 -25.01 5.46
N ASN B 217 4.18 -26.09 4.98
CA ASN B 217 5.01 -27.15 4.39
C ASN B 217 5.56 -26.80 3.02
N CYS B 218 6.80 -27.23 2.78
CA CYS B 218 7.42 -27.04 1.46
C CYS B 218 6.62 -27.76 0.38
N SER B 219 6.14 -28.94 0.73
CA SER B 219 5.30 -29.76 -0.17
C SER B 219 4.14 -30.34 0.64
N GLY B 220 2.94 -30.19 0.15
CA GLY B 220 1.63 -30.61 0.65
C GLY B 220 1.53 -31.52 1.85
C1 NAG C . -4.47 31.97 9.11
C2 NAG C . -5.91 32.34 8.80
C3 NAG C . -5.94 33.36 7.66
C4 NAG C . -5.27 34.65 8.21
C5 NAG C . -3.87 34.39 8.77
C6 NAG C . -3.54 35.61 9.64
C7 NAG C . -7.09 30.18 7.87
C8 NAG C . -8.12 29.22 8.50
N2 NAG C . -6.77 31.20 8.61
O3 NAG C . -7.32 33.60 7.32
O4 NAG C . -5.14 35.73 7.27
O5 NAG C . -3.79 33.16 9.52
O6 NAG C . -3.02 36.71 8.88
O7 NAG C . -6.98 30.17 6.60
C1 NAG C . -6.04 36.87 7.45
C2 NAG C . -5.54 38.14 6.77
C3 NAG C . -6.66 38.98 6.13
C4 NAG C . -7.28 38.02 5.07
C5 NAG C . -7.99 36.85 5.77
C6 NAG C . -8.03 35.65 4.81
C7 NAG C . -4.50 39.61 8.72
C8 NAG C . -4.86 41.10 8.67
N2 NAG C . -4.64 38.89 7.63
O3 NAG C . -6.09 40.18 5.57
O4 NAG C . -8.28 38.54 4.21
O5 NAG C . -7.41 36.60 7.06
O6 NAG C . -6.78 34.95 4.91
O7 NAG C . -3.97 39.11 9.76
C1 NAG D . 7.31 -6.92 12.28
C2 NAG D . 7.68 -8.38 12.59
C3 NAG D . 9.04 -8.41 13.29
C4 NAG D . 9.96 -8.18 12.04
C5 NAG D . 9.82 -6.69 11.69
C6 NAG D . 10.62 -6.35 10.42
C7 NAG D . 6.18 -10.31 12.82
C8 NAG D . 6.62 -11.48 13.72
N2 NAG D . 6.57 -9.10 13.20
O3 NAG D . 9.24 -9.63 14.01
O4 NAG D . 11.35 -8.52 12.14
O5 NAG D . 8.42 -6.38 11.53
O6 NAG D . 11.76 -5.58 10.81
O7 NAG D . 5.59 -10.58 11.73
C1 NAG D . 11.87 -9.80 11.68
C2 NAG D . 13.38 -9.86 11.86
C3 NAG D . 13.94 -11.29 11.94
C4 NAG D . 13.25 -11.91 13.18
C5 NAG D . 11.79 -12.15 12.77
C6 NAG D . 10.93 -12.62 13.96
C7 NAG D . 14.46 -8.84 9.69
C8 NAG D . 15.99 -8.91 9.51
N2 NAG D . 14.02 -8.98 10.91
O3 NAG D . 15.38 -11.22 12.01
O4 NAG D . 13.75 -13.16 13.65
O5 NAG D . 11.24 -10.99 12.14
O6 NAG D . 9.91 -13.48 13.44
O7 NAG D . 13.70 -8.85 8.68
C1 FUC D . 12.68 -4.88 9.97
C2 FUC D . 12.42 -3.37 9.73
C3 FUC D . 11.88 -3.10 8.30
C4 FUC D . 12.88 -3.69 7.30
C5 FUC D . 13.00 -5.20 7.52
C6 FUC D . 14.03 -5.81 6.56
O2 FUC D . 13.66 -2.66 9.89
O3 FUC D . 10.60 -3.70 8.10
O4 FUC D . 12.49 -3.38 5.95
O5 FUC D . 13.40 -5.44 8.88
ZN ZN E . 6.66 30.15 8.83
#